data_7OXE
#
_entry.id   7OXE
#
_cell.length_a   47.383
_cell.length_b   37.533
_cell.length_c   62.685
_cell.angle_alpha   90.000
_cell.angle_beta   95.220
_cell.angle_gamma   90.000
#
_symmetry.space_group_name_H-M   'P 1 21 1'
#
loop_
_entity.id
_entity.type
_entity.pdbx_description
1 polymer 'ER lumen protein-retaining receptor 2'
2 polymer THR-ALA-GLU-HIS-ASP-GLU-PHE
3 non-polymer '(2R)-2,3-dihydroxypropyl (9Z)-octadec-9-enoate'
4 water water
#
loop_
_entity_poly.entity_id
_entity_poly.type
_entity_poly.pdbx_seq_one_letter_code
_entity_poly.pdbx_strand_id
1 'polypeptide(L)'
;MNIFRLTGDLSHLAAIIILLLKIWKSRSCAGISGKSQLLFALVFTTRYLDLFTSFISLYNTSMKLIYIACSYATVYLIYM
KFKATYDGNHDTFRVEFLIVPVGGLSFLVNHDFSPLEILWTFSIYLESVAILPQLFMISKTGEAETITTHYLFFLGLYRA
LYLVNWIWRYYFEGFFDLIAVVAGVVQTVLYCDFFYLYVTKVLKGKKLSLPA
;
A
2 'polypeptide(L)' TAEHDEF B
#
# COMPACT_ATOMS: atom_id res chain seq x y z
N MET A 1 -17.66 -4.62 -10.50
CA MET A 1 -16.78 -5.76 -10.31
C MET A 1 -16.32 -6.35 -11.62
N ASN A 2 -15.01 -6.37 -11.82
CA ASN A 2 -14.37 -6.85 -13.02
C ASN A 2 -13.08 -7.66 -12.68
N ILE A 3 -12.51 -8.40 -13.66
CA ILE A 3 -11.31 -9.23 -13.43
C ILE A 3 -10.10 -8.41 -13.00
N PHE A 4 -9.98 -7.15 -13.46
CA PHE A 4 -8.83 -6.32 -13.09
C PHE A 4 -8.88 -5.90 -11.63
N ARG A 5 -10.07 -5.64 -11.13
CA ARG A 5 -10.30 -5.28 -9.75
C ARG A 5 -10.06 -6.48 -8.82
N LEU A 6 -10.60 -7.64 -9.20
CA LEU A 6 -10.49 -8.88 -8.47
C LEU A 6 -9.00 -9.31 -8.40
N THR A 7 -8.27 -9.28 -9.54
CA THR A 7 -6.84 -9.60 -9.56
C THR A 7 -6.01 -8.61 -8.75
N GLY A 8 -6.42 -7.35 -8.76
CA GLY A 8 -5.78 -6.31 -7.95
C GLY A 8 -5.99 -6.56 -6.47
N ASP A 9 -7.20 -6.97 -6.07
CA ASP A 9 -7.48 -7.29 -4.66
C ASP A 9 -6.71 -8.57 -4.20
N LEU A 10 -6.57 -9.57 -5.09
CA LEU A 10 -5.85 -10.79 -4.80
C LEU A 10 -4.36 -10.50 -4.75
N SER A 11 -3.86 -9.60 -5.59
CA SER A 11 -2.45 -9.25 -5.60
C SER A 11 -2.05 -8.50 -4.33
N HIS A 12 -2.95 -7.64 -3.82
CA HIS A 12 -2.76 -6.84 -2.61
C HIS A 12 -2.80 -7.78 -1.41
N LEU A 13 -3.77 -8.70 -1.35
CA LEU A 13 -3.85 -9.62 -0.23
C LEU A 13 -2.67 -10.60 -0.25
N ALA A 14 -2.23 -11.02 -1.46
CA ALA A 14 -1.03 -11.88 -1.60
C ALA A 14 0.20 -11.19 -0.99
N ALA A 15 0.45 -9.90 -1.35
CA ALA A 15 1.56 -9.13 -0.84
C ALA A 15 1.51 -9.05 0.68
N ILE A 16 0.31 -8.76 1.25
CA ILE A 16 0.13 -8.62 2.70
C ILE A 16 0.42 -9.95 3.46
N ILE A 17 0.04 -11.08 2.89
CA ILE A 17 0.30 -12.39 3.51
C ILE A 17 1.77 -12.80 3.36
N ILE A 18 2.38 -12.59 2.18
CA ILE A 18 3.81 -12.84 1.95
C ILE A 18 4.69 -12.16 3.04
N LEU A 19 4.43 -10.87 3.28
CA LEU A 19 5.21 -10.14 4.27
C LEU A 19 4.95 -10.64 5.68
N LEU A 20 3.67 -10.80 6.01
CA LEU A 20 3.27 -11.25 7.35
C LEU A 20 3.83 -12.65 7.69
N LEU A 21 3.78 -13.59 6.74
CA LEU A 21 4.31 -14.92 6.94
C LEU A 21 5.84 -14.93 6.93
N LYS A 22 6.48 -14.09 6.11
CA LYS A 22 7.94 -13.99 6.09
C LYS A 22 8.47 -13.59 7.47
N ILE A 23 7.87 -12.58 8.10
CA ILE A 23 8.29 -12.13 9.42
C ILE A 23 7.99 -13.19 10.50
N TRP A 24 6.78 -13.76 10.47
CA TRP A 24 6.32 -14.77 11.43
C TRP A 24 7.13 -16.07 11.43
N LYS A 25 7.39 -16.66 10.26
CA LYS A 25 8.13 -17.91 10.15
C LYS A 25 9.62 -17.72 10.43
N SER A 26 10.22 -16.62 9.93
CA SER A 26 11.64 -16.36 10.16
C SER A 26 11.95 -15.72 11.51
N ARG A 27 10.92 -15.29 12.27
CA ARG A 27 11.07 -14.61 13.56
C ARG A 27 11.97 -13.37 13.45
N SER A 28 11.93 -12.70 12.29
CA SER A 28 12.74 -11.51 12.03
C SER A 28 12.07 -10.58 11.07
N CYS A 29 12.25 -9.29 11.28
CA CYS A 29 11.74 -8.29 10.36
C CYS A 29 12.88 -7.42 9.80
N ALA A 30 14.07 -8.06 9.57
CA ALA A 30 15.28 -7.44 9.04
C ALA A 30 15.08 -6.98 7.59
N GLY A 31 15.42 -5.73 7.31
CA GLY A 31 15.24 -5.18 5.97
C GLY A 31 13.84 -4.67 5.69
N ILE A 32 12.91 -4.75 6.68
CA ILE A 32 11.54 -4.28 6.54
C ILE A 32 11.38 -2.92 7.18
N SER A 33 10.90 -1.95 6.43
CA SER A 33 10.64 -0.61 6.92
C SER A 33 9.40 -0.68 7.78
N GLY A 34 9.57 -0.44 9.09
CA GLY A 34 8.44 -0.37 10.00
C GLY A 34 7.57 0.83 9.67
N LYS A 35 8.21 1.94 9.26
CA LYS A 35 7.51 3.19 8.91
C LYS A 35 6.48 3.03 7.78
N SER A 36 6.83 2.29 6.71
CA SER A 36 5.88 2.01 5.63
C SER A 36 4.73 1.18 6.13
N GLN A 37 4.95 0.28 7.11
CA GLN A 37 3.84 -0.51 7.65
C GLN A 37 2.90 0.36 8.54
N LEU A 38 3.45 1.42 9.19
CA LEU A 38 2.62 2.36 9.94
C LEU A 38 1.76 3.16 8.97
N LEU A 39 2.33 3.57 7.83
CA LEU A 39 1.62 4.33 6.81
C LEU A 39 0.48 3.53 6.19
N PHE A 40 0.74 2.25 5.85
CA PHE A 40 -0.29 1.38 5.31
C PHE A 40 -1.41 1.13 6.29
N ALA A 41 -1.10 0.97 7.58
CA ALA A 41 -2.11 0.79 8.61
C ALA A 41 -3.00 2.04 8.73
N LEU A 42 -2.39 3.23 8.62
CA LEU A 42 -3.02 4.53 8.70
C LEU A 42 -3.92 4.77 7.47
N VAL A 43 -3.53 4.26 6.28
CA VAL A 43 -4.33 4.33 5.05
C VAL A 43 -5.63 3.54 5.31
N PHE A 44 -5.52 2.29 5.80
CA PHE A 44 -6.67 1.47 6.03
C PHE A 44 -7.60 2.06 7.09
N THR A 45 -7.03 2.66 8.13
CA THR A 45 -7.80 3.25 9.21
C THR A 45 -8.65 4.44 8.75
N THR A 46 -8.05 5.35 7.95
CA THR A 46 -8.75 6.53 7.46
C THR A 46 -9.67 6.20 6.27
N ARG A 47 -9.33 5.18 5.47
CA ARG A 47 -10.16 4.85 4.30
C ARG A 47 -11.39 4.08 4.64
N TYR A 48 -11.28 3.18 5.65
CA TYR A 48 -12.36 2.25 5.98
C TYR A 48 -13.25 2.64 7.12
N LEU A 49 -13.31 3.93 7.47
CA LEU A 49 -14.27 4.42 8.46
C LEU A 49 -15.74 4.25 7.95
N ASP A 50 -15.93 4.16 6.61
CA ASP A 50 -17.21 3.87 5.99
C ASP A 50 -17.77 2.49 6.33
N LEU A 51 -17.01 1.65 7.05
CA LEU A 51 -17.50 0.36 7.55
C LEU A 51 -18.65 0.63 8.56
N PHE A 52 -18.66 1.83 9.22
CA PHE A 52 -19.68 2.24 10.17
C PHE A 52 -20.88 2.98 9.53
N THR A 53 -20.78 3.37 8.26
CA THR A 53 -21.86 4.10 7.58
C THR A 53 -22.43 3.38 6.36
N SER A 54 -21.78 2.30 5.89
CA SER A 54 -22.21 1.65 4.67
C SER A 54 -22.05 0.14 4.70
N PHE A 55 -22.85 -0.55 3.91
CA PHE A 55 -22.71 -1.98 3.70
C PHE A 55 -22.81 -2.16 2.18
N ILE A 56 -21.68 -2.41 1.51
CA ILE A 56 -21.66 -2.63 0.07
C ILE A 56 -21.90 -4.11 -0.20
N SER A 57 -21.18 -4.99 0.50
CA SER A 57 -21.27 -6.45 0.35
C SER A 57 -20.48 -7.16 1.44
N LEU A 58 -20.68 -8.48 1.61
CA LEU A 58 -19.92 -9.25 2.60
C LEU A 58 -18.43 -9.27 2.21
N TYR A 59 -18.16 -9.34 0.91
CA TYR A 59 -16.81 -9.31 0.37
C TYR A 59 -16.12 -7.96 0.74
N ASN A 60 -16.80 -6.84 0.50
CA ASN A 60 -16.30 -5.50 0.81
C ASN A 60 -15.98 -5.36 2.31
N THR A 61 -16.89 -5.80 3.17
CA THR A 61 -16.68 -5.71 4.62
C THR A 61 -15.54 -6.62 5.06
N SER A 62 -15.56 -7.85 4.61
CA SER A 62 -14.56 -8.84 5.00
C SER A 62 -13.17 -8.45 4.59
N MET A 63 -13.00 -7.97 3.36
CA MET A 63 -11.70 -7.56 2.86
C MET A 63 -11.16 -6.38 3.66
N LYS A 64 -12.00 -5.38 3.96
CA LYS A 64 -11.59 -4.24 4.76
C LYS A 64 -11.07 -4.67 6.15
N LEU A 65 -11.82 -5.59 6.83
CA LEU A 65 -11.47 -6.10 8.13
C LEU A 65 -10.18 -6.91 8.07
N ILE A 66 -9.98 -7.69 7.00
CA ILE A 66 -8.75 -8.49 6.84
C ILE A 66 -7.55 -7.58 6.64
N TYR A 67 -7.69 -6.52 5.82
CA TYR A 67 -6.64 -5.54 5.55
C TYR A 67 -6.23 -4.77 6.84
N ILE A 68 -7.24 -4.29 7.62
CA ILE A 68 -6.97 -3.62 8.89
C ILE A 68 -6.22 -4.60 9.83
N ALA A 69 -6.75 -5.84 9.97
CA ALA A 69 -6.19 -6.89 10.82
C ALA A 69 -4.74 -7.24 10.48
N CYS A 70 -4.41 -7.45 9.20
CA CYS A 70 -3.06 -7.81 8.76
C CYS A 70 -2.11 -6.65 8.78
N SER A 71 -2.62 -5.42 8.57
CA SER A 71 -1.74 -4.25 8.65
C SER A 71 -1.37 -3.97 10.11
N TYR A 72 -2.33 -4.05 11.02
CA TYR A 72 -2.05 -3.84 12.44
C TYR A 72 -1.18 -4.97 12.99
N ALA A 73 -1.39 -6.23 12.54
CA ALA A 73 -0.58 -7.37 12.97
C ALA A 73 0.87 -7.22 12.53
N THR A 74 1.10 -6.80 11.27
CA THR A 74 2.45 -6.56 10.73
C THR A 74 3.15 -5.49 11.56
N VAL A 75 2.43 -4.42 11.94
CA VAL A 75 3.02 -3.35 12.76
C VAL A 75 3.44 -3.90 14.13
N TYR A 76 2.60 -4.77 14.71
CA TYR A 76 2.85 -5.39 16.00
C TYR A 76 4.10 -6.30 15.99
N LEU A 77 4.27 -7.09 14.91
CA LEU A 77 5.42 -7.99 14.77
C LEU A 77 6.72 -7.20 14.66
N ILE A 78 6.69 -6.06 13.97
CA ILE A 78 7.88 -5.25 13.77
C ILE A 78 8.25 -4.48 15.03
N TYR A 79 7.31 -3.72 15.60
CA TYR A 79 7.62 -2.86 16.75
C TYR A 79 7.52 -3.49 18.14
N MET A 80 6.81 -4.62 18.29
CA MET A 80 6.70 -5.26 19.59
C MET A 80 7.31 -6.68 19.64
N LYS A 81 6.76 -7.66 18.90
CA LYS A 81 7.24 -9.04 18.98
C LYS A 81 8.70 -9.26 18.54
N PHE A 82 9.05 -8.87 17.30
CA PHE A 82 10.40 -9.04 16.77
C PHE A 82 11.10 -7.70 16.67
N LYS A 83 10.91 -6.82 17.66
CA LYS A 83 11.59 -5.54 17.66
C LYS A 83 13.10 -5.67 17.76
N ALA A 84 13.62 -6.81 18.26
CA ALA A 84 15.06 -7.00 18.35
C ALA A 84 15.72 -7.06 16.96
N THR A 85 14.96 -7.42 15.91
CA THR A 85 15.49 -7.46 14.55
C THR A 85 15.01 -6.30 13.67
N TYR A 86 14.28 -5.32 14.23
CA TYR A 86 13.83 -4.17 13.47
C TYR A 86 15.02 -3.25 13.36
N ASP A 87 15.39 -2.94 12.12
CA ASP A 87 16.56 -2.13 11.80
C ASP A 87 16.16 -0.68 11.75
N GLY A 88 16.07 -0.07 12.93
CA GLY A 88 15.75 1.35 13.07
C GLY A 88 16.80 2.28 12.51
N ASN A 89 18.08 1.86 12.53
CA ASN A 89 19.21 2.66 12.00
C ASN A 89 19.12 2.86 10.48
N HIS A 90 18.47 1.95 9.77
CA HIS A 90 18.35 2.05 8.31
C HIS A 90 16.95 2.45 7.84
N ASP A 91 15.94 2.44 8.72
CA ASP A 91 14.58 2.87 8.37
C ASP A 91 14.50 4.32 8.80
N THR A 92 15.26 5.19 8.13
CA THR A 92 15.39 6.59 8.54
C THR A 92 14.62 7.60 7.73
N PHE A 93 13.62 7.15 6.92
CA PHE A 93 12.82 8.09 6.15
C PHE A 93 12.02 8.97 7.12
N ARG A 94 12.06 10.28 6.93
CA ARG A 94 11.31 11.19 7.78
C ARG A 94 9.88 11.26 7.27
N VAL A 95 8.99 10.44 7.86
CA VAL A 95 7.59 10.30 7.44
C VAL A 95 6.75 11.57 7.63
N GLU A 96 7.21 12.55 8.43
CA GLU A 96 6.52 13.84 8.63
C GLU A 96 6.50 14.65 7.31
N PHE A 97 7.49 14.44 6.43
CA PHE A 97 7.49 15.06 5.12
C PHE A 97 6.42 14.46 4.20
N LEU A 98 5.84 13.31 4.56
CA LEU A 98 4.77 12.72 3.80
C LEU A 98 3.46 13.05 4.51
N ILE A 99 3.31 12.74 5.80
CA ILE A 99 2.04 12.93 6.51
C ILE A 99 1.58 14.37 6.58
N VAL A 100 2.43 15.30 7.04
CA VAL A 100 2.02 16.70 7.19
C VAL A 100 1.54 17.30 5.84
N PRO A 101 2.34 17.25 4.74
CA PRO A 101 1.82 17.75 3.45
C PRO A 101 0.62 16.99 2.91
N VAL A 102 0.61 15.63 2.96
CA VAL A 102 -0.54 14.84 2.45
C VAL A 102 -1.82 15.22 3.22
N GLY A 103 -1.69 15.47 4.52
CA GLY A 103 -2.81 15.89 5.35
C GLY A 103 -3.36 17.24 4.93
N GLY A 104 -2.44 18.17 4.65
CA GLY A 104 -2.80 19.49 4.20
C GLY A 104 -3.46 19.46 2.84
N LEU A 105 -2.96 18.62 1.91
CA LEU A 105 -3.54 18.47 0.58
C LEU A 105 -4.92 17.83 0.58
N SER A 106 -5.19 16.87 1.49
CA SER A 106 -6.51 16.23 1.58
C SER A 106 -7.59 17.20 2.07
N PHE A 107 -7.20 18.12 2.96
CA PHE A 107 -8.13 19.13 3.46
C PHE A 107 -8.44 20.11 2.35
N LEU A 108 -7.44 20.50 1.52
CA LEU A 108 -7.63 21.46 0.42
C LEU A 108 -8.16 20.93 -0.92
N VAL A 109 -7.73 19.76 -1.36
CA VAL A 109 -8.12 19.18 -2.67
C VAL A 109 -8.86 17.88 -2.46
N ASN A 110 -10.20 17.93 -2.51
CA ASN A 110 -11.06 16.78 -2.24
C ASN A 110 -12.41 16.89 -3.03
N HIS A 111 -13.24 15.84 -3.00
CA HIS A 111 -14.57 15.83 -3.64
C HIS A 111 -15.65 16.50 -2.75
N ASP A 112 -15.37 16.68 -1.44
CA ASP A 112 -16.30 17.24 -0.47
C ASP A 112 -15.63 17.60 0.82
N PHE A 113 -16.01 18.76 1.39
CA PHE A 113 -15.44 19.22 2.64
C PHE A 113 -16.25 18.71 3.83
N SER A 114 -16.11 17.42 4.13
CA SER A 114 -16.74 16.75 5.27
C SER A 114 -15.73 15.78 5.86
N PRO A 115 -15.78 15.54 7.19
CA PRO A 115 -14.75 14.68 7.83
C PRO A 115 -14.47 13.33 7.18
N LEU A 116 -15.52 12.57 6.80
CA LEU A 116 -15.31 11.26 6.19
C LEU A 116 -14.66 11.34 4.80
N GLU A 117 -15.01 12.36 4.02
CA GLU A 117 -14.43 12.52 2.68
C GLU A 117 -12.97 13.02 2.73
N ILE A 118 -12.67 13.93 3.65
CA ILE A 118 -11.32 14.45 3.82
C ILE A 118 -10.37 13.31 4.28
N LEU A 119 -10.85 12.46 5.22
CA LEU A 119 -10.09 11.31 5.72
C LEU A 119 -9.88 10.27 4.61
N TRP A 120 -10.87 10.05 3.76
CA TRP A 120 -10.73 9.12 2.64
C TRP A 120 -9.67 9.62 1.66
N THR A 121 -9.69 10.94 1.38
CA THR A 121 -8.74 11.60 0.48
C THR A 121 -7.32 11.46 1.02
N PHE A 122 -7.15 11.63 2.33
CA PHE A 122 -5.86 11.50 3.02
C PHE A 122 -5.30 10.10 2.77
N SER A 123 -6.15 9.06 2.89
CA SER A 123 -5.79 7.68 2.67
C SER A 123 -5.28 7.46 1.23
N ILE A 124 -5.96 8.06 0.22
CA ILE A 124 -5.57 8.00 -1.19
C ILE A 124 -4.20 8.69 -1.49
N TYR A 125 -3.98 9.89 -0.96
CA TYR A 125 -2.72 10.57 -1.15
C TYR A 125 -1.61 9.87 -0.43
N LEU A 126 -1.87 9.41 0.80
CA LEU A 126 -0.86 8.76 1.62
C LEU A 126 -0.46 7.42 1.00
N GLU A 127 -1.44 6.63 0.47
CA GLU A 127 -1.12 5.34 -0.10
C GLU A 127 -0.17 5.47 -1.29
N SER A 128 -0.36 6.52 -2.12
CA SER A 128 0.50 6.82 -3.28
C SER A 128 1.99 6.93 -2.91
N VAL A 129 2.30 7.37 -1.67
CA VAL A 129 3.68 7.54 -1.24
C VAL A 129 4.08 6.64 -0.05
N ALA A 130 3.19 5.77 0.44
CA ALA A 130 3.41 4.93 1.62
C ALA A 130 4.60 3.99 1.54
N ILE A 131 4.94 3.49 0.33
CA ILE A 131 6.07 2.58 0.15
C ILE A 131 7.42 3.29 0.10
N LEU A 132 7.43 4.66 -0.02
CA LEU A 132 8.70 5.42 -0.04
C LEU A 132 9.71 5.03 1.07
N PRO A 133 9.31 4.91 2.37
CA PRO A 133 10.29 4.52 3.39
C PRO A 133 10.92 3.14 3.19
N GLN A 134 10.17 2.17 2.62
CA GLN A 134 10.68 0.84 2.35
C GLN A 134 11.69 0.88 1.18
N LEU A 135 11.36 1.59 0.10
CA LEU A 135 12.27 1.70 -1.03
C LEU A 135 13.53 2.47 -0.63
N PHE A 136 13.40 3.48 0.21
CA PHE A 136 14.51 4.29 0.71
C PHE A 136 15.46 3.46 1.58
N MET A 137 14.90 2.54 2.37
CA MET A 137 15.65 1.63 3.24
C MET A 137 16.46 0.64 2.39
N ILE A 138 15.87 0.10 1.31
CA ILE A 138 16.53 -0.85 0.42
C ILE A 138 17.70 -0.19 -0.29
N SER A 139 17.53 1.07 -0.72
CA SER A 139 18.62 1.80 -1.37
C SER A 139 19.78 2.08 -0.41
N LYS A 140 19.45 2.37 0.86
CA LYS A 140 20.43 2.62 1.90
C LYS A 140 21.20 1.34 2.27
N THR A 141 20.49 0.24 2.57
CA THR A 141 21.13 -1.03 2.92
C THR A 141 21.84 -1.70 1.74
N GLY A 142 21.41 -1.40 0.52
CA GLY A 142 22.02 -1.94 -0.69
C GLY A 142 21.33 -3.18 -1.25
N GLU A 143 20.87 -4.07 -0.39
CA GLU A 143 20.23 -5.29 -0.82
C GLU A 143 18.75 -5.35 -0.46
N ALA A 144 18.01 -6.27 -1.12
CA ALA A 144 16.62 -6.60 -0.85
C ALA A 144 16.53 -8.12 -1.01
N GLU A 145 16.05 -8.84 0.02
CA GLU A 145 15.89 -10.30 -0.03
C GLU A 145 14.85 -10.67 -1.10
N THR A 146 14.90 -11.90 -1.64
CA THR A 146 13.95 -12.32 -2.68
C THR A 146 12.49 -12.20 -2.26
N ILE A 147 12.16 -12.62 -1.04
CA ILE A 147 10.80 -12.58 -0.53
C ILE A 147 10.33 -11.12 -0.38
N THR A 148 11.26 -10.18 -0.01
CA THR A 148 10.94 -8.75 0.09
C THR A 148 10.60 -8.21 -1.30
N THR A 149 11.33 -8.66 -2.35
CA THR A 149 11.01 -8.23 -3.71
C THR A 149 9.68 -8.81 -4.22
N HIS A 150 9.29 -10.04 -3.83
CA HIS A 150 8.00 -10.60 -4.24
C HIS A 150 6.88 -9.81 -3.57
N TYR A 151 7.06 -9.39 -2.30
CA TYR A 151 6.13 -8.54 -1.58
C TYR A 151 5.95 -7.23 -2.34
N LEU A 152 7.05 -6.56 -2.71
CA LEU A 152 7.01 -5.31 -3.46
C LEU A 152 6.42 -5.46 -4.85
N PHE A 153 6.68 -6.59 -5.53
CA PHE A 153 6.07 -6.81 -6.83
C PHE A 153 4.54 -6.89 -6.74
N PHE A 154 4.01 -7.73 -5.84
CA PHE A 154 2.56 -7.90 -5.74
C PHE A 154 1.86 -6.64 -5.19
N LEU A 155 2.55 -5.89 -4.33
CA LEU A 155 2.00 -4.63 -3.83
C LEU A 155 1.92 -3.58 -4.94
N GLY A 156 2.98 -3.50 -5.75
CA GLY A 156 3.05 -2.55 -6.84
C GLY A 156 2.10 -2.91 -7.96
N LEU A 157 1.91 -4.21 -8.22
CA LEU A 157 1.04 -4.70 -9.29
C LEU A 157 -0.44 -4.45 -8.96
N TYR A 158 -0.80 -4.52 -7.67
CA TYR A 158 -2.17 -4.31 -7.23
C TYR A 158 -2.76 -2.96 -7.71
N ARG A 159 -2.10 -1.82 -7.41
CA ARG A 159 -2.60 -0.52 -7.81
C ARG A 159 -2.44 -0.29 -9.32
N ALA A 160 -1.53 -1.00 -9.99
CA ALA A 160 -1.42 -0.94 -11.45
C ALA A 160 -2.67 -1.60 -12.05
N LEU A 161 -3.15 -2.71 -11.43
CA LEU A 161 -4.36 -3.39 -11.88
C LEU A 161 -5.63 -2.54 -11.59
N TYR A 162 -5.60 -1.72 -10.54
CA TYR A 162 -6.67 -0.78 -10.23
C TYR A 162 -6.74 0.33 -11.29
N LEU A 163 -5.61 0.71 -11.91
CA LEU A 163 -5.63 1.68 -13.01
C LEU A 163 -6.37 1.07 -14.19
N VAL A 164 -6.10 -0.21 -14.51
CA VAL A 164 -6.78 -0.90 -15.60
C VAL A 164 -8.27 -1.05 -15.31
N ASN A 165 -8.61 -1.29 -14.02
CA ASN A 165 -9.96 -1.39 -13.48
C ASN A 165 -10.71 -0.06 -13.70
N TRP A 166 -10.03 1.07 -13.51
CA TRP A 166 -10.62 2.39 -13.72
C TRP A 166 -10.85 2.68 -15.20
N ILE A 167 -10.05 2.13 -16.10
CA ILE A 167 -10.28 2.28 -17.54
C ILE A 167 -11.56 1.49 -17.88
N TRP A 168 -11.65 0.24 -17.37
CA TRP A 168 -12.79 -0.65 -17.56
C TRP A 168 -14.08 -0.02 -17.03
N ARG A 169 -14.07 0.46 -15.76
CA ARG A 169 -15.24 1.07 -15.14
C ARG A 169 -15.63 2.35 -15.83
N TYR A 170 -14.67 3.12 -16.38
CA TYR A 170 -15.00 4.36 -17.10
C TYR A 170 -15.69 4.03 -18.43
N TYR A 171 -15.15 3.07 -19.17
CA TYR A 171 -15.72 2.69 -20.45
C TYR A 171 -17.11 2.04 -20.28
N PHE A 172 -17.23 1.03 -19.41
CA PHE A 172 -18.48 0.27 -19.26
C PHE A 172 -19.54 0.83 -18.30
N GLU A 173 -19.13 1.51 -17.22
CA GLU A 173 -20.08 2.02 -16.24
C GLU A 173 -20.18 3.53 -16.16
N GLY A 174 -19.32 4.24 -16.87
CA GLY A 174 -19.28 5.70 -16.83
C GLY A 174 -18.81 6.25 -15.49
N PHE A 175 -18.09 5.42 -14.71
CA PHE A 175 -17.57 5.81 -13.40
C PHE A 175 -16.18 6.40 -13.52
N PHE A 176 -15.92 7.50 -12.81
CA PHE A 176 -14.64 8.17 -12.89
C PHE A 176 -14.36 8.94 -11.61
N ASP A 177 -13.20 8.72 -11.00
CA ASP A 177 -12.76 9.42 -9.81
C ASP A 177 -11.33 9.91 -10.03
N LEU A 178 -11.17 11.18 -10.40
CA LEU A 178 -9.87 11.79 -10.71
C LEU A 178 -8.86 11.80 -9.57
N ILE A 179 -9.34 11.83 -8.30
CA ILE A 179 -8.42 11.82 -7.17
C ILE A 179 -7.77 10.44 -7.04
N ALA A 180 -8.56 9.37 -7.14
CA ALA A 180 -8.03 8.02 -7.05
C ALA A 180 -7.13 7.74 -8.23
N VAL A 181 -7.53 8.18 -9.47
CA VAL A 181 -6.76 7.97 -10.69
C VAL A 181 -5.38 8.63 -10.63
N VAL A 182 -5.34 9.95 -10.40
CA VAL A 182 -4.06 10.66 -10.37
C VAL A 182 -3.13 10.10 -9.27
N ALA A 183 -3.69 9.84 -8.07
CA ALA A 183 -2.91 9.27 -6.99
C ALA A 183 -2.44 7.85 -7.33
N GLY A 184 -3.28 7.07 -8.01
CA GLY A 184 -2.94 5.72 -8.47
C GLY A 184 -1.79 5.69 -9.45
N VAL A 185 -1.72 6.71 -10.33
CA VAL A 185 -0.64 6.89 -11.31
C VAL A 185 0.66 7.21 -10.55
N VAL A 186 0.60 8.14 -9.57
CA VAL A 186 1.74 8.53 -8.73
C VAL A 186 2.27 7.28 -8.00
N GLN A 187 1.35 6.51 -7.43
CA GLN A 187 1.64 5.29 -6.68
C GLN A 187 2.38 4.25 -7.52
N THR A 188 1.94 4.06 -8.78
CA THR A 188 2.54 3.10 -9.67
C THR A 188 3.85 3.57 -10.26
N VAL A 189 3.98 4.87 -10.64
CA VAL A 189 5.24 5.35 -11.19
C VAL A 189 6.38 5.23 -10.17
N LEU A 190 6.06 5.27 -8.84
CA LEU A 190 7.12 5.12 -7.82
C LEU A 190 7.73 3.69 -7.79
N TYR A 191 7.06 2.72 -8.45
CA TYR A 191 7.54 1.35 -8.59
C TYR A 191 8.28 1.10 -9.91
N CYS A 192 8.37 2.08 -10.81
CA CYS A 192 8.98 1.85 -12.13
C CYS A 192 10.43 1.32 -12.03
N ASP A 193 11.31 1.94 -11.21
CA ASP A 193 12.69 1.44 -11.09
C ASP A 193 12.68 0.05 -10.51
N PHE A 194 11.89 -0.18 -9.46
CA PHE A 194 11.77 -1.51 -8.87
C PHE A 194 11.29 -2.56 -9.90
N PHE A 195 10.24 -2.27 -10.67
CA PHE A 195 9.69 -3.21 -11.66
C PHE A 195 10.76 -3.62 -12.67
N TYR A 196 11.50 -2.64 -13.22
CA TYR A 196 12.57 -2.86 -14.19
C TYR A 196 13.67 -3.75 -13.61
N LEU A 197 14.06 -3.50 -12.35
CA LEU A 197 15.08 -4.28 -11.65
C LEU A 197 14.57 -5.67 -11.24
N TYR A 198 13.29 -5.80 -10.95
CA TYR A 198 12.70 -7.08 -10.58
C TYR A 198 12.62 -7.98 -11.82
N VAL A 199 12.22 -7.43 -12.96
CA VAL A 199 12.08 -8.23 -14.19
C VAL A 199 13.44 -8.60 -14.80
N THR A 200 14.36 -7.64 -14.89
CA THR A 200 15.67 -7.88 -15.48
C THR A 200 16.70 -8.55 -14.53
N LYS A 201 16.57 -8.35 -13.20
CA LYS A 201 17.51 -8.94 -12.25
C LYS A 201 16.89 -10.11 -11.44
N VAL A 202 15.90 -9.84 -10.56
CA VAL A 202 15.30 -10.84 -9.66
C VAL A 202 14.72 -12.04 -10.42
N LEU A 203 13.89 -11.83 -11.45
CA LEU A 203 13.36 -12.95 -12.24
C LEU A 203 14.44 -13.71 -13.05
N LYS A 204 15.69 -13.18 -13.11
CA LYS A 204 16.83 -13.82 -13.78
C LYS A 204 17.93 -14.32 -12.80
N GLY A 205 17.58 -14.45 -11.51
CA GLY A 205 18.49 -14.93 -10.48
C GLY A 205 19.50 -13.95 -9.95
N LYS A 206 19.41 -12.68 -10.34
CA LYS A 206 20.34 -11.63 -9.93
C LYS A 206 19.88 -10.80 -8.70
N LYS A 207 20.79 -9.94 -8.17
CA LYS A 207 20.60 -9.06 -7.03
C LYS A 207 19.87 -7.77 -7.42
N LEU A 208 18.90 -7.36 -6.60
CA LEU A 208 18.13 -6.13 -6.81
C LEU A 208 18.89 -5.01 -6.07
N SER A 209 19.63 -4.16 -6.78
CA SER A 209 20.35 -3.06 -6.12
C SER A 209 19.78 -1.67 -6.47
N LEU A 210 19.10 -1.02 -5.50
CA LEU A 210 18.51 0.31 -5.68
C LEU A 210 19.47 1.45 -5.30
N ALA B 2 -19.51 11.47 -2.51
CA ALA B 2 -19.64 10.32 -3.40
C ALA B 2 -19.24 9.00 -2.72
N GLU B 3 -20.04 7.93 -2.96
CA GLU B 3 -19.82 6.59 -2.40
C GLU B 3 -18.53 5.92 -2.91
N HIS B 4 -17.78 5.29 -2.00
CA HIS B 4 -16.52 4.62 -2.33
C HIS B 4 -16.68 3.10 -2.29
N ASP B 5 -16.75 2.45 -3.47
CA ASP B 5 -17.02 1.00 -3.58
C ASP B 5 -15.80 0.13 -3.86
N GLU B 6 -14.61 0.63 -3.58
CA GLU B 6 -13.39 -0.12 -3.79
C GLU B 6 -12.51 -0.13 -2.55
N PHE B 7 -11.40 -0.89 -2.57
CA PHE B 7 -10.49 -0.92 -1.43
C PHE B 7 -9.42 0.13 -1.52
#